data_6M5T
#
_entry.id   6M5T
#
_cell.length_a   1.00
_cell.length_b   1.00
_cell.length_c   1.00
_cell.angle_alpha   90.00
_cell.angle_beta   90.00
_cell.angle_gamma   90.00
#
_symmetry.space_group_name_H-M   'P 1'
#
_entity_poly.entity_id   1
_entity_poly.type   'polypeptide(L)'
_entity_poly.pdbx_seq_one_letter_code
;MGSSHHHHHHSSGLVPRGSHMTGDDRPVLTKSAGERFLLYRPSTTTNSGLMAPDLYVYVDPAFTANTRASGTGVAVVGRY
RDDYIIFALEHFFLRALTGSAPADIARCVVHSLTQVLALHPGAFRGVRVAVEGNSSQDSAVAIATHVHTEMHRLLASEGA
DAGSGPELLFYHCEPPGSAVLYPFFLLNKQKTPAFEHFIKKFNSGGVMASQEIVSATVRLQTDPVEYLLEQLNNLTETVS
PNTDVRTYSGKRNGASDDLMVAVIMAIYLAAQAGPPHTFAPITRVS
;
_entity_poly.pdbx_strand_id   A
#
# COMPACT_ATOMS: atom_id res chain seq x y z
N PRO A 27 -22.72 1.15 5.73
CA PRO A 27 -23.31 2.47 5.96
C PRO A 27 -22.35 3.35 6.72
N VAL A 28 -21.08 3.35 6.34
CA VAL A 28 -20.01 3.79 7.22
C VAL A 28 -19.39 5.10 6.78
N LEU A 29 -18.80 5.12 5.60
CA LEU A 29 -18.08 6.30 5.15
C LEU A 29 -19.07 7.30 4.60
N THR A 30 -19.02 8.53 5.10
CA THR A 30 -20.04 9.48 4.71
C THR A 30 -19.80 10.00 3.31
N LYS A 31 -20.91 10.22 2.61
CA LYS A 31 -20.87 10.70 1.23
C LYS A 31 -20.41 12.15 1.19
N SER A 32 -20.56 12.86 2.29
CA SER A 32 -19.96 14.18 2.40
C SER A 32 -18.44 14.09 2.40
N ALA A 33 -17.88 13.03 2.96
CA ALA A 33 -16.44 12.86 2.87
C ALA A 33 -16.06 12.37 1.49
N GLY A 34 -16.89 11.54 0.88
CA GLY A 34 -16.61 11.02 -0.44
C GLY A 34 -16.57 12.07 -1.54
N GLU A 35 -17.41 13.09 -1.43
CA GLU A 35 -17.28 14.24 -2.30
C GLU A 35 -15.96 14.93 -2.04
N ARG A 36 -15.56 15.03 -0.78
CA ARG A 36 -14.28 15.64 -0.46
C ARG A 36 -13.13 14.80 -0.94
N PHE A 37 -13.13 13.51 -0.58
CA PHE A 37 -11.99 12.66 -0.89
C PHE A 37 -11.87 12.37 -2.37
N LEU A 38 -12.98 12.38 -3.10
CA LEU A 38 -12.89 12.37 -4.55
C LEU A 38 -12.44 13.71 -5.08
N LEU A 39 -12.79 14.78 -4.38
CA LEU A 39 -12.75 16.12 -4.92
C LEU A 39 -11.35 16.72 -4.93
N TYR A 40 -10.73 16.85 -3.77
CA TYR A 40 -9.54 17.66 -3.64
C TYR A 40 -8.29 16.87 -4.00
N ARG A 41 -7.47 17.46 -4.86
CA ARG A 41 -6.31 16.84 -5.50
C ARG A 41 -5.05 17.56 -5.06
N PRO A 42 -4.53 17.38 -3.84
CA PRO A 42 -3.32 18.11 -3.44
C PRO A 42 -2.08 17.60 -4.15
N SER A 43 -1.03 18.42 -4.12
CA SER A 43 0.17 18.13 -4.87
C SER A 43 1.33 17.78 -3.94
N THR A 44 2.06 16.72 -4.29
CA THR A 44 3.29 16.35 -3.63
C THR A 44 4.50 16.63 -4.48
N THR A 45 4.30 17.12 -5.70
CA THR A 45 5.45 17.58 -6.47
C THR A 45 5.99 18.88 -5.90
N THR A 46 5.11 19.78 -5.51
CA THR A 46 5.59 21.04 -4.94
C THR A 46 5.67 21.01 -3.42
N ASN A 47 4.64 20.48 -2.75
CA ASN A 47 4.58 20.55 -1.29
C ASN A 47 5.35 19.40 -0.62
N SER A 48 6.33 18.82 -1.34
CA SER A 48 7.07 17.65 -0.88
C SER A 48 7.90 17.92 0.35
N GLY A 49 8.43 19.14 0.49
CA GLY A 49 9.26 19.47 1.63
C GLY A 49 8.53 19.43 2.95
N LEU A 50 7.20 19.54 2.92
CA LEU A 50 6.40 19.45 4.12
C LEU A 50 5.92 18.04 4.39
N MET A 51 6.69 17.03 4.05
CA MET A 51 6.29 15.65 4.29
C MET A 51 7.23 14.96 5.25
N ALA A 52 6.72 13.95 5.94
CA ALA A 52 7.60 13.03 6.63
C ALA A 52 8.40 12.26 5.57
N PRO A 53 9.66 11.99 5.82
CA PRO A 53 10.52 11.48 4.74
C PRO A 53 10.44 9.97 4.58
N ASP A 54 9.45 9.38 5.25
CA ASP A 54 9.30 7.94 5.28
C ASP A 54 8.05 7.58 4.49
N LEU A 55 7.96 6.32 4.10
CA LEU A 55 6.97 5.97 3.10
C LEU A 55 6.55 4.52 3.32
N TYR A 56 5.47 4.34 4.05
CA TYR A 56 4.95 3.01 4.26
C TYR A 56 4.30 2.55 2.97
N VAL A 57 4.30 1.24 2.72
CA VAL A 57 3.60 0.67 1.58
C VAL A 57 3.25 -0.78 1.89
N TYR A 58 2.01 -1.16 1.57
CA TYR A 58 1.43 -2.44 1.92
C TYR A 58 1.15 -3.22 0.64
N VAL A 59 0.93 -4.52 0.78
CA VAL A 59 0.48 -5.34 -0.33
C VAL A 59 -0.39 -6.46 0.23
N ASP A 60 -1.31 -6.97 -0.60
CA ASP A 60 -2.24 -8.03 -0.22
C ASP A 60 -2.22 -9.09 -1.31
N PRO A 61 -1.31 -10.03 -1.28
CA PRO A 61 -1.26 -11.03 -2.35
C PRO A 61 -2.34 -12.07 -2.24
N ALA A 62 -3.11 -12.25 -3.32
CA ALA A 62 -4.08 -13.33 -3.42
C ALA A 62 -3.63 -14.22 -4.57
N PHE A 63 -3.39 -15.50 -4.28
CA PHE A 63 -2.67 -16.34 -5.23
C PHE A 63 -3.57 -17.06 -6.22
N THR A 64 -4.88 -16.96 -6.09
CA THR A 64 -5.75 -17.55 -7.08
C THR A 64 -6.06 -16.55 -8.19
N ALA A 65 -6.57 -17.08 -9.30
CA ALA A 65 -6.90 -16.25 -10.46
C ALA A 65 -8.37 -16.44 -10.79
N ASN A 66 -8.84 -15.60 -11.72
CA ASN A 66 -10.21 -15.61 -12.26
C ASN A 66 -11.26 -15.44 -11.17
N THR A 67 -11.01 -14.54 -10.22
CA THR A 67 -11.99 -14.26 -9.18
C THR A 67 -11.97 -12.75 -8.92
N ARG A 68 -13.17 -12.17 -8.81
CA ARG A 68 -13.32 -10.72 -8.73
C ARG A 68 -12.82 -10.13 -7.42
N ALA A 69 -12.50 -10.94 -6.42
CA ALA A 69 -11.85 -10.45 -5.22
C ALA A 69 -10.49 -11.08 -5.00
N SER A 70 -9.95 -11.78 -5.99
CA SER A 70 -8.64 -12.39 -5.84
C SER A 70 -7.52 -11.53 -6.43
N GLY A 71 -7.72 -10.22 -6.56
CA GLY A 71 -6.65 -9.35 -6.99
C GLY A 71 -5.61 -9.15 -5.89
N THR A 72 -4.58 -8.39 -6.21
CA THR A 72 -3.54 -8.06 -5.24
C THR A 72 -3.42 -6.54 -5.15
N GLY A 73 -3.55 -6.01 -3.94
CA GLY A 73 -3.67 -4.58 -3.75
C GLY A 73 -2.33 -3.92 -3.55
N VAL A 74 -2.21 -2.69 -4.00
CA VAL A 74 -1.05 -1.86 -3.75
C VAL A 74 -1.56 -0.56 -3.17
N ALA A 75 -0.96 -0.13 -2.06
CA ALA A 75 -1.28 1.16 -1.50
C ALA A 75 -0.01 1.74 -0.90
N VAL A 76 0.29 2.97 -1.24
CA VAL A 76 1.47 3.61 -0.71
C VAL A 76 1.13 4.99 -0.21
N VAL A 77 1.53 5.28 1.03
CA VAL A 77 1.07 6.45 1.75
C VAL A 77 2.20 7.10 2.50
N GLY A 78 2.10 8.42 2.66
CA GLY A 78 3.06 9.20 3.40
C GLY A 78 2.39 9.93 4.54
N ARG A 79 3.06 10.91 5.12
CA ARG A 79 2.43 11.70 6.16
C ARG A 79 2.56 13.19 5.87
N TYR A 80 1.54 13.94 6.24
CA TYR A 80 1.69 15.36 6.49
C TYR A 80 1.87 15.48 8.01
N ARG A 81 1.87 16.72 8.53
CA ARG A 81 1.87 17.07 9.95
C ARG A 81 1.07 16.14 10.84
N ASP A 82 -0.18 15.88 10.49
CA ASP A 82 -1.00 14.98 11.27
C ASP A 82 -1.80 14.03 10.40
N ASP A 83 -1.86 14.25 9.10
CA ASP A 83 -2.73 13.43 8.28
C ASP A 83 -1.95 12.70 7.20
N TYR A 84 -2.70 11.92 6.45
CA TYR A 84 -2.18 10.88 5.58
C TYR A 84 -2.59 11.19 4.16
N ILE A 85 -1.90 10.58 3.21
CA ILE A 85 -1.95 11.04 1.84
C ILE A 85 -1.56 9.88 0.94
N ILE A 86 -2.19 9.79 -0.22
CA ILE A 86 -2.14 8.56 -1.03
C ILE A 86 -1.33 8.86 -2.29
N PHE A 87 -0.51 7.90 -2.71
CA PHE A 87 0.34 8.06 -3.89
C PHE A 87 0.04 7.10 -5.02
N ALA A 88 -0.25 5.83 -4.74
CA ALA A 88 -0.47 4.87 -5.81
C ALA A 88 -1.35 3.73 -5.36
N LEU A 89 -2.20 3.27 -6.26
CA LEU A 89 -3.08 2.14 -6.03
C LEU A 89 -3.03 1.23 -7.23
N GLU A 90 -2.82 -0.07 -7.01
CA GLU A 90 -2.85 -1.07 -8.08
C GLU A 90 -3.64 -2.28 -7.60
N HIS A 91 -4.83 -2.47 -8.15
CA HIS A 91 -5.54 -3.73 -7.97
C HIS A 91 -4.95 -4.70 -8.98
N PHE A 92 -3.99 -5.49 -8.53
CA PHE A 92 -3.24 -6.31 -9.45
C PHE A 92 -3.91 -7.67 -9.58
N PHE A 93 -4.56 -7.90 -10.71
CA PHE A 93 -5.04 -9.24 -11.03
C PHE A 93 -3.88 -10.14 -11.36
N LEU A 94 -4.13 -11.45 -11.32
CA LEU A 94 -3.19 -12.40 -11.89
C LEU A 94 -3.48 -12.61 -13.36
N ARG A 95 -2.42 -12.56 -14.16
CA ARG A 95 -2.50 -12.91 -15.56
C ARG A 95 -2.64 -14.43 -15.67
N ALA A 96 -3.00 -14.91 -16.84
CA ALA A 96 -3.11 -16.35 -17.01
C ALA A 96 -1.72 -16.98 -17.17
N LEU A 97 -1.66 -18.28 -16.90
CA LEU A 97 -0.52 -19.15 -17.23
C LEU A 97 0.76 -18.70 -16.50
N THR A 98 0.73 -18.78 -15.18
CA THR A 98 1.77 -18.19 -14.35
C THR A 98 2.60 -19.26 -13.67
N GLY A 99 3.87 -19.36 -14.08
CA GLY A 99 4.86 -20.01 -13.24
C GLY A 99 5.71 -19.05 -12.45
N SER A 100 5.88 -17.83 -12.93
CA SER A 100 6.72 -16.82 -12.31
C SER A 100 5.91 -15.80 -11.54
N ALA A 101 4.82 -16.22 -10.93
CA ALA A 101 3.85 -15.28 -10.38
C ALA A 101 4.32 -14.40 -9.21
N PRO A 102 5.13 -14.85 -8.22
CA PRO A 102 5.55 -13.88 -7.20
C PRO A 102 6.42 -12.77 -7.73
N ALA A 103 7.27 -13.08 -8.70
CA ALA A 103 8.09 -12.07 -9.36
C ALA A 103 7.27 -11.05 -10.12
N ASP A 104 6.08 -11.43 -10.59
CA ASP A 104 5.25 -10.50 -11.33
C ASP A 104 4.64 -9.48 -10.39
N ILE A 105 4.18 -9.97 -9.23
CA ILE A 105 3.79 -9.12 -8.11
C ILE A 105 4.94 -8.22 -7.72
N ALA A 106 6.16 -8.73 -7.79
CA ALA A 106 7.30 -7.87 -7.51
C ALA A 106 7.51 -6.81 -8.57
N ARG A 107 7.20 -7.08 -9.84
CA ARG A 107 7.29 -5.97 -10.80
C ARG A 107 6.19 -4.97 -10.61
N CYS A 108 5.06 -5.41 -10.05
CA CYS A 108 3.98 -4.48 -9.75
C CYS A 108 4.40 -3.45 -8.71
N VAL A 109 4.73 -3.90 -7.49
CA VAL A 109 4.94 -2.97 -6.40
C VAL A 109 6.20 -2.16 -6.57
N VAL A 110 7.23 -2.72 -7.16
CA VAL A 110 8.45 -1.97 -7.36
C VAL A 110 8.28 -1.06 -8.55
N HIS A 111 7.48 -1.48 -9.52
CA HIS A 111 7.11 -0.62 -10.63
C HIS A 111 6.26 0.55 -10.17
N SER A 112 5.63 0.45 -9.01
CA SER A 112 4.95 1.58 -8.39
C SER A 112 5.91 2.49 -7.65
N LEU A 113 6.73 1.93 -6.74
CA LEU A 113 7.63 2.72 -5.92
C LEU A 113 8.63 3.51 -6.75
N THR A 114 9.07 2.94 -7.85
CA THR A 114 9.93 3.66 -8.76
C THR A 114 9.21 4.84 -9.38
N GLN A 115 7.91 4.71 -9.60
CA GLN A 115 7.17 5.84 -10.15
C GLN A 115 6.93 6.91 -9.10
N VAL A 116 6.81 6.53 -7.83
CA VAL A 116 6.65 7.57 -6.81
C VAL A 116 7.96 8.30 -6.58
N LEU A 117 9.04 7.54 -6.35
CA LEU A 117 10.38 8.08 -6.21
C LEU A 117 10.84 8.82 -7.44
N ALA A 118 10.29 8.49 -8.59
CA ALA A 118 10.64 9.18 -9.82
C ALA A 118 10.14 10.61 -9.79
N LEU A 119 8.85 10.79 -9.56
CA LEU A 119 8.31 12.15 -9.54
C LEU A 119 8.57 12.87 -8.25
N HIS A 120 9.32 12.27 -7.34
CA HIS A 120 9.69 12.89 -6.07
C HIS A 120 11.21 12.86 -5.95
N PRO A 121 11.91 13.75 -6.65
CA PRO A 121 13.38 13.70 -6.66
C PRO A 121 13.95 14.15 -5.33
N GLY A 122 14.75 13.28 -4.72
CA GLY A 122 15.38 13.57 -3.46
C GLY A 122 14.44 13.76 -2.30
N ALA A 123 13.22 13.22 -2.39
CA ALA A 123 12.20 13.61 -1.44
C ALA A 123 12.13 12.69 -0.23
N PHE A 124 12.29 11.41 -0.39
CA PHE A 124 12.01 10.47 0.68
C PHE A 124 13.29 9.85 1.21
N ARG A 125 13.32 9.64 2.51
CA ARG A 125 14.49 9.05 3.11
C ARG A 125 14.48 7.54 2.89
N GLY A 126 13.47 6.85 3.41
CA GLY A 126 13.42 5.41 3.26
C GLY A 126 12.03 4.86 3.34
N VAL A 127 11.75 3.82 2.57
CA VAL A 127 10.41 3.29 2.46
C VAL A 127 10.33 1.99 3.22
N ARG A 128 9.11 1.57 3.51
CA ARG A 128 8.88 0.37 4.30
C ARG A 128 7.79 -0.45 3.64
N VAL A 129 8.15 -1.59 3.08
CA VAL A 129 7.23 -2.44 2.36
C VAL A 129 6.63 -3.41 3.36
N ALA A 130 5.33 -3.62 3.28
CA ALA A 130 4.65 -4.59 4.11
C ALA A 130 3.97 -5.64 3.24
N VAL A 131 4.20 -6.90 3.57
CA VAL A 131 3.57 -8.00 2.86
C VAL A 131 2.79 -8.82 3.88
N GLU A 132 1.53 -9.08 3.59
CA GLU A 132 0.70 -9.91 4.45
C GLU A 132 1.00 -11.38 4.18
N GLY A 133 0.90 -12.21 5.22
CA GLY A 133 1.08 -13.63 5.04
C GLY A 133 -0.08 -14.48 5.51
N ASN A 134 -1.31 -13.97 5.39
CA ASN A 134 -2.45 -14.78 5.79
C ASN A 134 -2.71 -15.92 4.83
N SER A 135 -2.24 -15.79 3.60
CA SER A 135 -2.31 -16.93 2.69
C SER A 135 -1.36 -18.03 3.14
N SER A 136 -0.08 -17.71 3.18
CA SER A 136 0.94 -18.59 3.74
C SER A 136 2.14 -17.76 4.13
N GLN A 137 2.85 -18.23 5.14
CA GLN A 137 4.12 -17.62 5.51
C GLN A 137 5.20 -17.95 4.50
N ASP A 138 4.98 -18.93 3.64
CA ASP A 138 6.02 -19.46 2.78
C ASP A 138 6.39 -18.52 1.64
N SER A 139 5.40 -17.94 0.95
CA SER A 139 5.71 -17.19 -0.26
C SER A 139 6.29 -15.83 0.06
N ALA A 140 5.74 -15.14 1.07
CA ALA A 140 6.01 -13.74 1.35
C ALA A 140 7.47 -13.46 1.66
N VAL A 141 8.20 -14.46 2.16
CA VAL A 141 9.64 -14.32 2.38
C VAL A 141 10.35 -14.06 1.07
N ALA A 142 10.18 -14.96 0.11
CA ALA A 142 10.84 -14.79 -1.17
C ALA A 142 10.18 -13.70 -1.99
N ILE A 143 8.94 -13.34 -1.64
CA ILE A 143 8.29 -12.22 -2.31
C ILE A 143 8.96 -10.92 -1.94
N ALA A 144 9.10 -10.66 -0.65
CA ALA A 144 9.77 -9.44 -0.23
C ALA A 144 11.25 -9.48 -0.58
N THR A 145 11.84 -10.69 -0.55
CA THR A 145 13.21 -10.86 -1.01
C THR A 145 13.35 -10.50 -2.48
N HIS A 146 12.36 -10.90 -3.28
CA HIS A 146 12.38 -10.59 -4.70
C HIS A 146 12.04 -9.14 -4.95
N VAL A 147 11.38 -8.50 -3.99
CA VAL A 147 11.15 -7.06 -4.05
C VAL A 147 12.46 -6.31 -3.85
N HIS A 148 13.19 -6.66 -2.78
CA HIS A 148 14.49 -6.05 -2.50
C HIS A 148 15.50 -6.36 -3.59
N THR A 149 15.30 -7.48 -4.28
CA THR A 149 16.12 -7.81 -5.45
C THR A 149 15.98 -6.75 -6.52
N GLU A 150 14.75 -6.42 -6.91
CA GLU A 150 14.61 -5.54 -8.05
C GLU A 150 14.76 -4.08 -7.64
N MET A 151 14.32 -3.74 -6.44
CA MET A 151 14.62 -2.42 -5.89
C MET A 151 16.13 -2.21 -5.77
N HIS A 152 16.84 -3.23 -5.31
CA HIS A 152 18.30 -3.19 -5.24
C HIS A 152 18.92 -3.20 -6.62
N ARG A 153 18.19 -3.65 -7.63
CA ARG A 153 18.67 -3.56 -8.99
C ARG A 153 18.55 -2.16 -9.54
N LEU A 154 17.38 -1.54 -9.38
CA LEU A 154 16.94 -0.48 -10.29
C LEU A 154 17.76 0.79 -10.19
N LEU A 155 17.91 1.32 -8.98
CA LEU A 155 18.42 2.67 -8.83
C LEU A 155 19.90 2.73 -9.18
N ALA A 156 20.60 1.61 -9.02
CA ALA A 156 21.98 1.49 -9.44
C ALA A 156 22.13 1.43 -10.94
N SER A 157 21.07 1.12 -11.67
CA SER A 157 21.16 1.13 -13.12
C SER A 157 21.11 2.57 -13.64
N GLU A 158 19.99 3.26 -13.42
CA GLU A 158 19.80 4.64 -13.87
C GLU A 158 18.85 5.35 -12.90
N GLY A 159 18.22 6.39 -13.43
CA GLY A 159 17.33 7.28 -12.71
C GLY A 159 18.02 8.54 -12.25
N ALA A 160 18.95 8.41 -11.30
CA ALA A 160 19.73 9.55 -10.80
C ALA A 160 20.94 9.03 -10.05
N ASP A 161 21.64 9.95 -9.41
CA ASP A 161 22.84 9.62 -8.64
C ASP A 161 22.54 9.41 -7.16
N ALA A 162 21.33 8.98 -6.83
CA ALA A 162 21.06 8.59 -5.45
C ALA A 162 21.77 7.28 -5.16
N GLY A 163 23.02 7.39 -4.74
CA GLY A 163 23.87 6.26 -4.51
C GLY A 163 23.51 5.64 -3.18
N SER A 164 22.47 4.81 -3.18
CA SER A 164 21.69 4.41 -2.00
C SER A 164 21.07 5.64 -1.35
N GLY A 165 20.11 6.18 -2.08
CA GLY A 165 19.32 7.32 -1.67
C GLY A 165 18.12 6.78 -0.92
N PRO A 166 17.01 6.55 -1.63
CA PRO A 166 15.83 5.94 -1.00
C PRO A 166 16.11 4.53 -0.50
N GLU A 167 16.16 4.41 0.82
CA GLU A 167 16.90 3.35 1.48
C GLU A 167 15.91 2.40 2.11
N LEU A 168 15.73 1.24 1.48
CA LEU A 168 14.66 0.32 1.81
C LEU A 168 14.82 -0.32 3.18
N LEU A 169 13.71 -0.46 3.89
CA LEU A 169 13.59 -1.31 5.06
C LEU A 169 12.33 -2.13 4.94
N PHE A 170 12.20 -3.18 5.73
CA PHE A 170 11.01 -4.03 5.67
C PHE A 170 10.32 -4.12 7.03
N TYR A 171 9.19 -4.82 7.02
CA TYR A 171 8.48 -5.18 8.24
C TYR A 171 8.77 -6.64 8.56
N HIS A 172 9.49 -6.87 9.64
CA HIS A 172 9.97 -8.20 9.97
C HIS A 172 9.17 -8.73 11.14
N CYS A 173 8.40 -9.79 10.92
CA CYS A 173 7.52 -10.23 11.98
C CYS A 173 7.93 -11.62 12.46
N GLU A 174 7.13 -12.10 13.41
CA GLU A 174 7.37 -13.35 14.09
C GLU A 174 6.15 -14.25 13.94
N PRO A 175 6.30 -15.46 13.43
CA PRO A 175 5.16 -16.37 13.37
C PRO A 175 4.81 -16.85 14.76
N PRO A 176 3.56 -17.24 14.99
CA PRO A 176 3.18 -17.75 16.32
C PRO A 176 3.79 -19.14 16.55
N GLY A 177 4.68 -19.22 17.54
CA GLY A 177 5.34 -20.46 17.86
C GLY A 177 6.72 -20.63 17.28
N SER A 178 7.17 -19.72 16.43
CA SER A 178 8.50 -19.77 15.83
C SER A 178 9.28 -18.53 16.25
N ALA A 179 10.47 -18.73 16.81
CA ALA A 179 11.27 -17.60 17.25
C ALA A 179 11.98 -16.89 16.12
N VAL A 180 12.03 -17.47 14.94
CA VAL A 180 12.82 -16.93 13.84
C VAL A 180 12.04 -15.79 13.19
N LEU A 181 12.68 -14.63 13.08
CA LEU A 181 12.03 -13.46 12.52
C LEU A 181 12.03 -13.52 11.01
N TYR A 182 10.86 -13.51 10.43
CA TYR A 182 10.84 -13.39 9.00
C TYR A 182 10.24 -12.06 8.58
N PRO A 183 10.63 -11.56 7.44
CA PRO A 183 10.05 -10.30 6.96
C PRO A 183 8.66 -10.46 6.39
N PHE A 184 7.65 -10.36 7.25
CA PHE A 184 6.27 -10.44 6.81
C PHE A 184 5.42 -9.61 7.74
N PHE A 185 4.10 -9.72 7.59
CA PHE A 185 3.14 -9.03 8.44
C PHE A 185 1.94 -9.94 8.64
N LEU A 186 1.65 -10.26 9.90
CA LEU A 186 0.40 -10.95 10.19
C LEU A 186 -0.74 -9.95 10.32
N LEU A 187 -1.92 -10.38 9.90
CA LEU A 187 -3.14 -9.60 10.08
C LEU A 187 -4.01 -10.44 10.99
N ASN A 188 -3.76 -10.32 12.28
CA ASN A 188 -4.48 -11.11 13.27
C ASN A 188 -5.29 -10.24 14.21
N LYS A 189 -4.64 -9.34 14.92
CA LYS A 189 -5.27 -8.60 15.99
C LYS A 189 -5.48 -7.15 15.59
N GLN A 190 -5.14 -6.83 14.37
CA GLN A 190 -4.85 -5.47 13.98
C GLN A 190 -5.94 -4.88 13.14
N LYS A 191 -6.78 -5.75 12.58
CA LYS A 191 -7.75 -5.39 11.56
C LYS A 191 -8.81 -4.46 12.11
N THR A 192 -9.29 -4.76 13.30
CA THR A 192 -10.30 -3.93 13.95
C THR A 192 -9.73 -2.57 14.39
N PRO A 193 -8.55 -2.46 15.04
CA PRO A 193 -8.04 -1.12 15.30
C PRO A 193 -7.60 -0.40 14.04
N ALA A 194 -7.29 -1.11 12.97
CA ALA A 194 -6.96 -0.42 11.73
C ALA A 194 -8.19 0.22 11.11
N PHE A 195 -9.29 -0.53 11.05
CA PHE A 195 -10.53 0.02 10.53
C PHE A 195 -11.03 1.15 11.40
N GLU A 196 -10.91 0.99 12.72
CA GLU A 196 -11.36 2.03 13.61
C GLU A 196 -10.50 3.27 13.51
N HIS A 197 -9.21 3.10 13.22
CA HIS A 197 -8.36 4.25 12.97
C HIS A 197 -8.70 4.91 11.65
N PHE A 198 -8.99 4.10 10.64
CA PHE A 198 -9.23 4.63 9.31
C PHE A 198 -10.51 5.41 9.24
N ILE A 199 -11.56 4.88 9.85
CA ILE A 199 -12.83 5.58 9.85
C ILE A 199 -12.83 6.67 10.88
N LYS A 200 -11.98 6.53 11.91
CA LYS A 200 -11.69 7.65 12.80
C LYS A 200 -11.15 8.84 12.04
N LYS A 201 -10.25 8.62 11.09
CA LYS A 201 -9.71 9.73 10.32
C LYS A 201 -10.61 10.15 9.17
N PHE A 202 -11.25 9.19 8.52
CA PHE A 202 -11.67 9.43 7.16
C PHE A 202 -12.96 10.21 7.08
N ASN A 203 -13.94 9.88 7.93
CA ASN A 203 -15.12 10.73 7.98
C ASN A 203 -14.86 12.03 8.72
N SER A 204 -13.66 12.21 9.28
CA SER A 204 -13.22 13.52 9.73
C SER A 204 -12.46 14.28 8.66
N GLY A 205 -12.31 13.71 7.48
CA GLY A 205 -11.63 14.43 6.42
C GLY A 205 -10.15 14.49 6.59
N GLY A 206 -9.56 13.53 7.30
CA GLY A 206 -8.13 13.54 7.49
C GLY A 206 -7.36 13.21 6.22
N VAL A 207 -7.71 12.10 5.58
CA VAL A 207 -6.86 11.61 4.50
C VAL A 207 -7.23 12.31 3.21
N MET A 208 -6.37 12.12 2.22
CA MET A 208 -6.55 12.74 0.92
C MET A 208 -5.76 11.94 -0.10
N ALA A 209 -6.04 12.19 -1.36
CA ALA A 209 -5.34 11.50 -2.43
C ALA A 209 -4.69 12.53 -3.35
N SER A 210 -3.43 12.29 -3.67
CA SER A 210 -2.62 13.27 -4.36
C SER A 210 -3.10 13.49 -5.79
N GLN A 211 -2.94 14.73 -6.25
CA GLN A 211 -3.13 15.12 -7.64
C GLN A 211 -2.33 14.28 -8.60
N GLU A 212 -1.09 13.98 -8.22
CA GLU A 212 -0.26 13.09 -8.99
C GLU A 212 -0.28 11.67 -8.46
N ILE A 213 -1.45 11.16 -8.06
CA ILE A 213 -1.57 9.76 -7.70
C ILE A 213 -1.20 8.88 -8.88
N VAL A 214 -0.57 7.76 -8.61
CA VAL A 214 0.16 6.98 -9.59
C VAL A 214 -0.59 5.69 -9.88
N SER A 215 -0.78 5.38 -11.15
CA SER A 215 -1.27 4.04 -11.42
C SER A 215 -0.56 3.43 -12.60
N ALA A 216 -0.42 2.11 -12.52
CA ALA A 216 0.06 1.28 -13.59
C ALA A 216 -1.01 0.33 -14.09
N THR A 217 -1.62 -0.44 -13.18
CA THR A 217 -2.59 -1.43 -13.61
C THR A 217 -3.93 -0.80 -13.94
N VAL A 218 -4.38 0.16 -13.15
CA VAL A 218 -5.63 0.84 -13.47
C VAL A 218 -5.36 1.75 -14.65
N ARG A 219 -6.36 1.88 -15.53
CA ARG A 219 -6.18 2.59 -16.78
C ARG A 219 -5.97 4.07 -16.54
N LEU A 220 -5.06 4.66 -17.34
CA LEU A 220 -4.79 6.08 -17.21
C LEU A 220 -5.97 6.92 -17.66
N GLN A 221 -6.82 6.35 -18.51
CA GLN A 221 -8.08 7.00 -18.86
C GLN A 221 -9.00 7.12 -17.66
N THR A 222 -9.25 6.01 -16.97
CA THR A 222 -10.17 6.08 -15.86
C THR A 222 -9.50 6.68 -14.63
N ASP A 223 -10.34 7.13 -13.72
CA ASP A 223 -9.87 7.73 -12.47
C ASP A 223 -9.42 6.63 -11.53
N PRO A 224 -8.23 6.74 -10.95
CA PRO A 224 -7.89 5.83 -9.85
C PRO A 224 -8.73 6.06 -8.62
N VAL A 225 -8.90 7.31 -8.21
CA VAL A 225 -9.58 7.65 -6.97
C VAL A 225 -11.03 7.26 -7.00
N GLU A 226 -11.67 7.39 -8.15
CA GLU A 226 -13.01 6.87 -8.33
C GLU A 226 -13.04 5.36 -8.15
N TYR A 227 -12.00 4.67 -8.64
CA TYR A 227 -12.00 3.22 -8.55
C TYR A 227 -11.75 2.78 -7.12
N LEU A 228 -11.03 3.59 -6.36
CA LEU A 228 -10.92 3.31 -4.94
C LEU A 228 -12.24 3.55 -4.23
N LEU A 229 -12.86 4.71 -4.50
CA LEU A 229 -13.99 5.17 -3.71
C LEU A 229 -15.20 4.28 -3.89
N GLU A 230 -15.35 3.66 -5.06
CA GLU A 230 -16.37 2.63 -5.22
C GLU A 230 -16.15 1.48 -4.26
N GLN A 231 -14.90 1.06 -4.11
CA GLN A 231 -14.63 -0.07 -3.25
C GLN A 231 -14.66 0.32 -1.78
N LEU A 232 -14.44 1.59 -1.47
CA LEU A 232 -14.49 2.05 -0.10
C LEU A 232 -15.90 2.00 0.44
N ASN A 233 -16.88 2.03 -0.45
CA ASN A 233 -18.27 2.09 -0.05
C ASN A 233 -18.85 0.74 0.35
N ASN A 234 -18.03 -0.23 0.71
CA ASN A 234 -18.52 -1.50 1.21
C ASN A 234 -17.99 -1.84 2.59
N LEU A 235 -18.12 -0.93 3.54
CA LEU A 235 -17.75 -1.21 4.91
C LEU A 235 -18.99 -1.37 5.78
N THR A 236 -18.80 -2.01 6.94
CA THR A 236 -19.87 -2.52 7.79
C THR A 236 -19.59 -2.10 9.23
N GLU A 237 -20.24 -2.77 10.17
CA GLU A 237 -20.61 -2.26 11.50
C GLU A 237 -19.46 -2.10 12.50
N THR A 238 -19.79 -2.00 13.79
CA THR A 238 -18.80 -1.70 14.83
C THR A 238 -17.72 -2.77 14.98
N VAL A 239 -18.05 -4.04 14.68
CA VAL A 239 -17.03 -5.07 14.58
C VAL A 239 -16.53 -5.21 13.14
N SER A 240 -17.20 -4.58 12.19
CA SER A 240 -16.94 -4.49 10.75
C SER A 240 -16.69 -5.82 10.05
N PRO A 241 -17.72 -6.69 9.92
CA PRO A 241 -17.55 -7.87 9.06
C PRO A 241 -17.78 -7.52 7.59
N ASN A 242 -16.76 -6.96 6.97
CA ASN A 242 -16.92 -6.12 5.79
C ASN A 242 -17.07 -6.94 4.50
N THR A 243 -16.86 -6.26 3.36
CA THR A 243 -16.77 -6.84 2.03
C THR A 243 -18.09 -7.50 1.59
N ASP A 244 -19.06 -6.65 1.28
CA ASP A 244 -20.33 -7.15 0.74
C ASP A 244 -20.15 -7.72 -0.66
N GLY A 254 -19.10 -7.42 -0.37
CA GLY A 254 -19.21 -7.39 -1.82
C GLY A 254 -17.97 -8.00 -2.47
N ALA A 255 -17.39 -7.31 -3.44
CA ALA A 255 -16.20 -7.78 -4.12
C ALA A 255 -15.03 -6.85 -3.85
N SER A 256 -13.83 -7.42 -3.97
CA SER A 256 -12.56 -6.73 -4.25
C SER A 256 -12.23 -5.68 -3.19
N ASP A 257 -12.08 -6.16 -1.96
CA ASP A 257 -11.74 -5.31 -0.84
C ASP A 257 -10.27 -4.95 -0.79
N ASP A 258 -9.47 -5.55 -1.66
CA ASP A 258 -8.03 -5.61 -1.46
C ASP A 258 -7.37 -4.24 -1.53
N LEU A 259 -7.89 -3.36 -2.39
CA LEU A 259 -7.40 -1.99 -2.39
C LEU A 259 -7.76 -1.31 -1.09
N MET A 260 -8.98 -1.52 -0.62
CA MET A 260 -9.43 -0.88 0.60
C MET A 260 -8.69 -1.40 1.82
N VAL A 261 -8.65 -2.73 1.99
CA VAL A 261 -7.93 -3.36 3.08
C VAL A 261 -6.45 -2.98 3.02
N ALA A 262 -5.93 -2.89 1.80
CA ALA A 262 -4.56 -2.46 1.58
C ALA A 262 -4.30 -1.06 2.10
N VAL A 263 -5.16 -0.09 1.74
CA VAL A 263 -5.00 1.29 2.18
C VAL A 263 -5.08 1.36 3.70
N ILE A 264 -5.97 0.56 4.28
CA ILE A 264 -6.20 0.73 5.71
C ILE A 264 -5.07 0.11 6.53
N MET A 265 -4.53 -1.03 6.10
CA MET A 265 -3.34 -1.51 6.79
C MET A 265 -2.16 -0.58 6.57
N ALA A 266 -2.10 0.03 5.39
CA ALA A 266 -1.04 0.99 5.09
C ALA A 266 -1.13 2.20 6.00
N ILE A 267 -2.34 2.64 6.31
CA ILE A 267 -2.46 3.84 7.12
C ILE A 267 -2.34 3.51 8.60
N TYR A 268 -2.70 2.28 8.99
CA TYR A 268 -2.42 1.89 10.37
C TYR A 268 -0.93 1.78 10.62
N LEU A 269 -0.16 1.40 9.62
CA LEU A 269 1.27 1.56 9.80
C LEU A 269 1.74 2.98 9.57
N ALA A 270 0.91 3.84 8.98
CA ALA A 270 1.34 5.22 8.90
C ALA A 270 1.25 5.94 10.23
N ALA A 271 0.58 5.36 11.21
CA ALA A 271 0.71 5.78 12.59
C ALA A 271 1.77 4.94 13.28
N GLN A 272 1.85 5.06 14.59
CA GLN A 272 2.86 4.35 15.35
C GLN A 272 2.45 2.91 15.63
N ALA A 273 3.45 2.04 15.75
CA ALA A 273 3.35 0.63 16.14
C ALA A 273 4.75 0.16 16.52
N GLY A 274 4.94 -1.16 16.60
CA GLY A 274 6.24 -1.74 16.78
C GLY A 274 7.16 -1.45 15.61
N PRO A 275 8.47 -1.42 15.84
CA PRO A 275 9.40 -0.96 14.80
C PRO A 275 9.61 -2.01 13.71
N PRO A 276 9.56 -1.58 12.46
CA PRO A 276 10.01 -2.42 11.34
C PRO A 276 11.43 -2.02 10.96
N HIS A 277 12.14 -2.94 10.30
CA HIS A 277 13.59 -2.86 10.29
C HIS A 277 14.19 -3.18 8.91
N THR A 278 15.50 -3.37 8.88
CA THR A 278 16.27 -3.44 7.65
C THR A 278 16.32 -4.86 7.12
N PHE A 279 16.17 -5.02 5.81
CA PHE A 279 16.77 -6.17 5.18
C PHE A 279 17.40 -5.78 3.87
#